data_4WRM
#
_entry.id   4WRM
#
_cell.length_a   281.470
_cell.length_b   281.470
_cell.length_c   91.170
_cell.angle_alpha   90.00
_cell.angle_beta   90.00
_cell.angle_gamma   120.00
#
_symmetry.space_group_name_H-M   'P 61 2 2'
#
loop_
_entity.id
_entity.type
_entity.pdbx_description
1 polymer 'Macrophage colony-stimulating factor 1 receptor'
2 polymer 'Macrophage colony-stimulating factor 1'
#
loop_
_entity_poly.entity_id
_entity_poly.type
_entity_poly.pdbx_seq_one_letter_code
_entity_poly.pdbx_strand_id
1 'polypeptide(L)'
;IPVIEPSVPELVVKPGATVTLRCVGNGSVEWDGPPSPHWTLYSDGSSSILSTNNATFQNTGTYRCTEPGDPLGGSAAIHL
YVKDPARPWNVLAQEVVVFEDQDALLPCLLTDPVLEAGVSLVRVRGRPLMRHTNYSFSPWHGFTIHRAKFIQSQDYQCSA
LMGGRKVMSISIRLKVQKVIPGPPALTLVPAELVRIRGEAAQIVCSASSVDVNFDVFLQHNNTKLAIPQQSDFHNNRYQK
VLTLNLDQVDFQHAGNYSCVASNVQGKHSTSMFFRVVESAYLNLSSEQNLIQEVTVGEGLNLKVMVEAYPGLQGFNWTYL
GPFSDHQPEPKLANATTKDTYRHTFTLSLPRLKPSEAGRYSFLARNPGGWRALTFELTLRYPPEVSVIWTFINGSGTLLC
AASGYPQPNVTWLQCSGHTDRCDEAQVLQVWDDPYPEVLSQEPFHKVTVQSLLTVETLEHNQTYECRAHNSVGSGSWAFI
PISAGTKHHHHHH
;
A
2 'polypeptide(L)'
;MGSSHHHHHHSSGLVPRGSHMEEVSEYCSHMIGSGHLQSLQRLIDSQMETSCQITFEFVDQEQLKDPVCYLKKAFLLVQD
IMEDTMRFRDNTPNAIAIVQLQELSLRLKSCFTKDYEEHDKACVRTFYETPLQLLEKVKNVFNETKNLLDKDWNIFSKNC
NNSFAECSSQ
;
B
#
# COMPACT_ATOMS: atom_id res chain seq x y z
N ILE A 1 47.41 -8.24 -4.22
CA ILE A 1 46.99 -6.91 -4.65
C ILE A 1 47.98 -6.38 -5.71
N PRO A 2 47.46 -5.70 -6.74
CA PRO A 2 48.36 -5.19 -7.78
C PRO A 2 49.11 -3.94 -7.34
N VAL A 3 50.22 -3.63 -8.03
CA VAL A 3 51.09 -2.54 -7.64
C VAL A 3 51.18 -1.48 -8.74
N ILE A 4 50.89 -0.24 -8.37
CA ILE A 4 50.97 0.88 -9.31
C ILE A 4 52.25 1.69 -9.13
N GLU A 5 52.96 1.93 -10.24
CA GLU A 5 54.05 2.89 -10.24
C GLU A 5 53.67 4.06 -11.15
N PRO A 6 53.92 5.29 -10.70
CA PRO A 6 54.61 5.71 -9.47
C PRO A 6 53.86 5.44 -8.18
N SER A 7 54.58 5.09 -7.12
CA SER A 7 53.97 4.90 -5.81
C SER A 7 53.68 6.25 -5.16
N VAL A 8 52.69 6.96 -5.70
CA VAL A 8 52.25 8.22 -5.15
C VAL A 8 50.72 8.24 -5.17
N PRO A 9 50.11 8.86 -4.14
CA PRO A 9 48.65 8.88 -4.07
C PRO A 9 48.00 9.65 -5.22
N GLU A 10 48.68 10.69 -5.68
CA GLU A 10 48.12 11.53 -6.74
C GLU A 10 49.19 12.21 -7.59
N LEU A 11 48.80 12.62 -8.80
CA LEU A 11 49.68 13.37 -9.70
C LEU A 11 49.03 14.68 -10.13
N VAL A 12 49.85 15.71 -10.31
CA VAL A 12 49.35 16.97 -10.84
C VAL A 12 50.18 17.38 -12.06
N VAL A 13 49.51 17.52 -13.19
CA VAL A 13 50.19 17.81 -14.45
C VAL A 13 49.50 18.94 -15.21
N LYS A 14 50.22 19.51 -16.17
CA LYS A 14 49.66 20.55 -17.03
C LYS A 14 49.04 19.90 -18.27
N PRO A 15 48.08 20.58 -18.90
CA PRO A 15 47.60 20.10 -20.20
C PRO A 15 48.74 19.96 -21.20
N GLY A 16 48.87 18.80 -21.83
CA GLY A 16 49.96 18.56 -22.76
C GLY A 16 51.00 17.62 -22.21
N ALA A 17 51.00 17.45 -20.88
CA ALA A 17 51.99 16.61 -20.23
C ALA A 17 51.84 15.16 -20.62
N THR A 18 52.90 14.38 -20.44
CA THR A 18 52.88 12.95 -20.68
C THR A 18 52.67 12.23 -19.37
N VAL A 19 51.67 11.36 -19.33
CA VAL A 19 51.40 10.59 -18.12
C VAL A 19 51.46 9.10 -18.44
N THR A 20 52.15 8.34 -17.59
CA THR A 20 52.28 6.91 -17.81
C THR A 20 52.03 6.13 -16.52
N LEU A 21 50.89 5.44 -16.47
CA LEU A 21 50.52 4.65 -15.31
C LEU A 21 50.77 3.17 -15.57
N ARG A 22 51.56 2.54 -14.72
CA ARG A 22 51.87 1.13 -14.90
C ARG A 22 51.42 0.30 -13.70
N CYS A 23 50.75 -0.80 -13.99
CA CYS A 23 50.25 -1.70 -12.96
C CYS A 23 50.80 -3.11 -13.15
N VAL A 24 51.14 -3.77 -12.04
CA VAL A 24 51.73 -5.09 -12.08
C VAL A 24 51.12 -6.01 -11.03
N GLY A 25 50.70 -7.19 -11.46
CA GLY A 25 50.20 -8.23 -10.57
C GLY A 25 50.88 -9.56 -10.83
N ASN A 26 50.30 -10.62 -10.27
CA ASN A 26 50.76 -11.98 -10.57
C ASN A 26 50.09 -12.48 -11.83
N GLY A 27 48.78 -12.25 -11.92
CA GLY A 27 48.00 -12.60 -13.09
C GLY A 27 47.65 -11.34 -13.85
N SER A 28 46.94 -11.50 -14.96
CA SER A 28 46.57 -10.37 -15.81
C SER A 28 45.84 -9.30 -15.00
N VAL A 29 46.12 -8.03 -15.32
CA VAL A 29 45.47 -6.90 -14.64
C VAL A 29 44.85 -5.95 -15.66
N GLU A 30 43.94 -5.10 -15.18
CA GLU A 30 43.25 -4.16 -16.06
C GLU A 30 42.92 -2.85 -15.34
N TRP A 31 42.97 -1.76 -16.10
CA TRP A 31 42.71 -0.43 -15.58
C TRP A 31 41.26 0.00 -15.77
N ASP A 32 40.73 0.76 -14.81
CA ASP A 32 39.46 1.46 -14.99
C ASP A 32 39.60 2.88 -14.46
N GLY A 33 38.95 3.82 -15.14
CA GLY A 33 39.03 5.22 -14.79
C GLY A 33 38.11 6.06 -15.65
N PRO A 34 38.22 7.39 -15.54
CA PRO A 34 37.40 8.32 -16.32
C PRO A 34 37.44 8.05 -17.83
N PRO A 35 36.27 7.98 -18.47
CA PRO A 35 36.20 7.86 -19.94
C PRO A 35 36.80 9.09 -20.59
N SER A 36 38.04 8.96 -21.05
CA SER A 36 38.82 10.14 -21.45
C SER A 36 39.65 9.86 -22.71
N PRO A 37 40.01 10.92 -23.45
CA PRO A 37 40.69 10.73 -24.73
C PRO A 37 42.19 10.51 -24.61
N HIS A 38 42.82 10.18 -25.73
CA HIS A 38 44.26 10.14 -25.90
C HIS A 38 44.97 9.07 -25.04
N TRP A 39 44.21 8.22 -24.37
CA TRP A 39 44.82 7.13 -23.62
C TRP A 39 45.28 6.01 -24.53
N THR A 40 46.52 5.61 -24.37
CA THR A 40 47.03 4.41 -25.03
C THR A 40 47.18 3.31 -23.98
N LEU A 41 46.91 2.07 -24.35
CA LEU A 41 46.96 0.98 -23.40
C LEU A 41 47.88 -0.13 -23.86
N TYR A 42 48.86 -0.47 -23.04
CA TYR A 42 49.77 -1.57 -23.32
C TYR A 42 49.59 -2.66 -22.28
N SER A 43 49.40 -3.90 -22.73
CA SER A 43 49.13 -4.98 -21.81
C SER A 43 49.70 -6.33 -22.27
N ASP A 44 50.30 -7.02 -21.33
CA ASP A 44 50.72 -8.37 -21.56
C ASP A 44 50.16 -9.29 -20.49
N GLY A 45 50.97 -10.25 -20.11
CA GLY A 45 50.56 -11.22 -19.14
C GLY A 45 50.36 -10.76 -17.73
N SER A 46 51.26 -9.94 -17.23
CA SER A 46 51.21 -9.61 -15.83
C SER A 46 51.10 -8.15 -15.52
N SER A 47 51.22 -7.34 -16.54
CA SER A 47 51.30 -5.93 -16.35
C SER A 47 50.45 -5.23 -17.35
N SER A 48 50.06 -4.04 -17.02
CA SER A 48 49.28 -3.20 -17.92
C SER A 48 49.66 -1.72 -17.77
N ILE A 49 49.71 -1.00 -18.90
CA ILE A 49 50.20 0.37 -18.91
C ILE A 49 49.27 1.35 -19.61
N LEU A 50 48.77 2.33 -18.87
CA LEU A 50 48.07 3.48 -19.46
C LEU A 50 49.09 4.57 -19.78
N SER A 51 48.92 5.23 -20.92
CA SER A 51 49.82 6.29 -21.30
C SER A 51 49.18 7.25 -22.29
N THR A 52 49.50 8.54 -22.14
CA THR A 52 49.00 9.58 -23.04
C THR A 52 50.10 10.59 -23.35
N ASN A 53 50.04 11.19 -24.53
CA ASN A 53 50.99 12.23 -24.90
C ASN A 53 50.39 13.63 -24.76
N ASN A 54 49.08 13.75 -24.97
CA ASN A 54 48.38 15.00 -24.68
C ASN A 54 47.36 14.82 -23.57
N ALA A 55 47.80 14.99 -22.32
CA ALA A 55 46.91 14.91 -21.17
C ALA A 55 45.98 16.12 -21.15
N THR A 56 44.70 15.86 -20.95
CA THR A 56 43.70 16.92 -20.90
C THR A 56 42.92 16.88 -19.59
N PHE A 57 42.13 17.92 -19.33
CA PHE A 57 41.36 18.02 -18.10
C PHE A 57 40.37 16.87 -17.94
N GLN A 58 39.94 16.29 -19.06
CA GLN A 58 39.01 15.18 -19.01
C GLN A 58 39.65 13.91 -18.44
N ASN A 59 40.98 13.87 -18.47
CA ASN A 59 41.72 12.75 -17.89
C ASN A 59 41.76 12.78 -16.36
N THR A 60 41.28 13.88 -15.78
CA THR A 60 41.25 14.03 -14.33
C THR A 60 40.32 13.01 -13.65
N GLY A 61 40.86 12.29 -12.67
CA GLY A 61 40.08 11.35 -11.90
C GLY A 61 40.91 10.24 -11.30
N THR A 62 40.24 9.31 -10.60
CA THR A 62 40.92 8.16 -10.01
C THR A 62 41.07 7.02 -11.00
N TYR A 63 42.28 6.50 -11.12
CA TYR A 63 42.53 5.34 -11.96
C TYR A 63 42.83 4.13 -11.09
N ARG A 64 41.97 3.13 -11.20
CA ARG A 64 42.03 1.98 -10.32
C ARG A 64 42.48 0.73 -11.09
N CYS A 65 43.39 -0.03 -10.49
CA CYS A 65 43.89 -1.24 -11.12
C CYS A 65 43.54 -2.48 -10.30
N THR A 66 42.99 -3.48 -10.99
CA THR A 66 42.58 -4.72 -10.34
C THR A 66 43.10 -5.91 -11.11
N GLU A 67 43.27 -7.03 -10.42
CA GLU A 67 43.71 -8.26 -11.07
C GLU A 67 42.57 -9.27 -11.14
N PRO A 68 41.84 -9.29 -12.27
CA PRO A 68 40.71 -10.22 -12.40
C PRO A 68 41.21 -11.66 -12.33
N GLY A 69 40.42 -12.54 -11.73
CA GLY A 69 40.81 -13.92 -11.57
C GLY A 69 41.49 -14.12 -10.22
N ASP A 70 41.88 -13.02 -9.60
CA ASP A 70 42.28 -13.09 -8.22
C ASP A 70 41.15 -12.54 -7.41
N PRO A 71 40.67 -13.37 -6.52
CA PRO A 71 39.41 -13.09 -5.88
C PRO A 71 39.70 -12.53 -4.51
N LEU A 72 39.15 -11.37 -4.24
CA LEU A 72 39.40 -10.80 -2.98
C LEU A 72 40.81 -10.30 -3.03
N GLY A 73 41.36 -10.16 -4.23
CA GLY A 73 42.68 -9.59 -4.33
C GLY A 73 42.88 -8.20 -3.81
N GLY A 74 41.86 -7.42 -4.03
CA GLY A 74 41.80 -5.98 -3.80
C GLY A 74 42.23 -5.16 -5.00
N SER A 75 42.19 -3.85 -4.83
CA SER A 75 42.58 -2.94 -5.91
C SER A 75 43.66 -1.96 -5.48
N ALA A 76 44.26 -1.31 -6.47
CA ALA A 76 45.20 -0.22 -6.22
C ALA A 76 44.76 1.01 -7.02
N ALA A 77 44.94 2.19 -6.44
CA ALA A 77 44.40 3.41 -7.05
C ALA A 77 45.43 4.54 -7.09
N ILE A 78 45.22 5.44 -8.04
CA ILE A 78 46.00 6.66 -8.14
C ILE A 78 45.11 7.75 -8.74
N HIS A 79 45.27 8.98 -8.29
CA HIS A 79 44.42 10.07 -8.77
C HIS A 79 45.22 11.02 -9.66
N LEU A 80 44.65 11.36 -10.81
CA LEU A 80 45.31 12.26 -11.73
C LEU A 80 44.63 13.62 -11.76
N TYR A 81 45.42 14.66 -11.54
CA TYR A 81 44.97 16.04 -11.72
C TYR A 81 45.60 16.62 -12.97
N VAL A 82 44.76 17.14 -13.87
CA VAL A 82 45.29 17.87 -15.01
C VAL A 82 44.83 19.32 -14.89
N LYS A 83 45.68 20.16 -14.30
CA LYS A 83 45.28 21.51 -13.94
C LYS A 83 45.19 22.43 -15.15
N ASP A 84 44.09 22.28 -15.89
CA ASP A 84 43.77 23.17 -16.99
C ASP A 84 43.37 24.53 -16.42
N PRO A 85 44.14 25.58 -16.74
CA PRO A 85 43.85 26.94 -16.26
C PRO A 85 42.48 27.44 -16.70
N ALA A 86 43.68 28.86 -13.04
CA ALA A 86 42.37 29.44 -13.32
C ALA A 86 41.23 28.46 -13.02
N ARG A 87 41.51 27.17 -13.21
CA ARG A 87 40.47 26.15 -13.12
C ARG A 87 40.76 25.14 -12.01
N PRO A 88 40.21 25.37 -10.82
CA PRO A 88 40.43 24.49 -9.67
C PRO A 88 39.58 23.21 -9.72
N TRP A 89 38.54 23.20 -10.56
CA TRP A 89 37.61 22.08 -10.56
C TRP A 89 37.48 21.37 -11.90
N ASN A 90 37.53 20.04 -11.86
CA ASN A 90 37.14 19.23 -13.01
C ASN A 90 35.89 18.41 -12.67
N VAL A 91 34.73 18.95 -13.03
CA VAL A 91 33.45 18.28 -12.75
C VAL A 91 33.22 17.13 -13.73
N LEU A 92 33.02 15.93 -13.21
CA LEU A 92 32.78 14.77 -14.06
C LEU A 92 31.32 14.67 -14.49
N ALA A 93 30.41 15.14 -13.66
CA ALA A 93 28.98 15.04 -13.95
C ALA A 93 28.19 16.20 -13.36
N GLN A 94 27.28 16.74 -14.16
CA GLN A 94 26.43 17.84 -13.72
C GLN A 94 25.10 17.34 -13.19
N GLU A 95 24.95 16.02 -13.14
CA GLU A 95 23.73 15.43 -12.62
C GLU A 95 24.01 14.17 -11.81
N VAL A 96 23.41 14.09 -10.64
CA VAL A 96 23.57 12.94 -9.75
C VAL A 96 22.21 12.52 -9.22
N VAL A 97 21.91 11.23 -9.27
CA VAL A 97 20.65 10.72 -8.74
C VAL A 97 20.89 9.62 -7.70
N VAL A 98 20.24 9.77 -6.55
CA VAL A 98 20.30 8.78 -5.48
C VAL A 98 18.93 8.64 -4.83
N PHE A 99 18.82 7.69 -3.92
CA PHE A 99 17.62 7.56 -3.11
C PHE A 99 17.87 8.12 -1.71
N GLU A 100 16.81 8.38 -0.97
CA GLU A 100 16.94 8.92 0.39
C GLU A 100 17.80 8.03 1.27
N ASP A 101 18.54 8.67 2.17
CA ASP A 101 19.41 8.00 3.14
C ASP A 101 20.57 7.26 2.47
N GLN A 102 20.87 7.64 1.23
CA GLN A 102 22.10 7.18 0.58
C GLN A 102 23.14 8.29 0.59
N ASP A 103 24.40 7.92 0.46
CA ASP A 103 25.44 8.92 0.25
C ASP A 103 25.32 9.44 -1.18
N ALA A 104 25.58 10.73 -1.35
CA ALA A 104 25.47 11.35 -2.67
C ALA A 104 26.79 12.01 -3.04
N LEU A 105 27.53 11.38 -3.94
CA LEU A 105 28.81 11.91 -4.37
C LEU A 105 28.63 12.94 -5.47
N LEU A 106 29.08 14.16 -5.21
CA LEU A 106 29.10 15.22 -6.21
C LEU A 106 30.50 15.27 -6.80
N PRO A 107 30.67 14.75 -8.02
CA PRO A 107 31.98 14.47 -8.60
C PRO A 107 32.71 15.70 -9.14
N CYS A 108 33.02 16.66 -8.27
CA CYS A 108 33.89 17.76 -8.67
C CYS A 108 35.32 17.48 -8.22
N LEU A 109 36.19 17.21 -9.18
CA LEU A 109 37.57 16.85 -8.87
C LEU A 109 38.47 18.08 -8.71
N LEU A 110 39.10 18.19 -7.55
CA LEU A 110 40.01 19.29 -7.26
C LEU A 110 41.30 19.11 -8.04
N THR A 111 41.72 20.14 -8.75
CA THR A 111 42.87 20.04 -9.65
C THR A 111 44.19 20.31 -8.94
N ASP A 112 44.12 20.66 -7.66
CA ASP A 112 45.30 20.97 -6.86
C ASP A 112 45.04 20.63 -5.39
N PRO A 113 45.74 19.60 -4.88
CA PRO A 113 45.46 19.06 -3.55
C PRO A 113 45.71 20.02 -2.39
N VAL A 114 46.61 20.98 -2.56
CA VAL A 114 46.91 21.94 -1.50
C VAL A 114 45.74 22.86 -1.21
N LEU A 115 44.79 22.93 -2.13
CA LEU A 115 43.61 23.77 -1.98
C LEU A 115 42.56 23.19 -1.02
N GLU A 116 42.68 21.89 -0.73
CA GLU A 116 41.69 21.17 0.08
C GLU A 116 41.28 21.87 1.37
N ALA A 117 42.24 22.48 2.07
CA ALA A 117 41.97 23.14 3.33
C ALA A 117 41.01 24.33 3.19
N GLY A 118 40.85 24.82 1.97
CA GLY A 118 39.99 25.97 1.73
C GLY A 118 38.87 25.72 0.74
N VAL A 119 38.30 24.52 0.74
CA VAL A 119 37.18 24.21 -0.14
C VAL A 119 35.90 24.00 0.64
N SER A 120 34.77 24.26 -0.02
CA SER A 120 33.46 24.11 0.59
C SER A 120 32.41 23.79 -0.46
N LEU A 121 31.28 23.27 -0.02
CA LEU A 121 30.16 22.99 -0.90
C LEU A 121 29.04 24.00 -0.68
N VAL A 122 28.55 24.59 -1.77
CA VAL A 122 27.51 25.61 -1.67
C VAL A 122 26.41 25.35 -2.71
N ARG A 123 25.40 26.20 -2.72
CA ARG A 123 24.32 26.10 -3.71
C ARG A 123 24.44 27.23 -4.72
N VAL A 124 23.70 27.14 -5.81
CA VAL A 124 23.82 28.17 -6.81
C VAL A 124 23.28 29.46 -6.28
N ARG A 125 23.69 30.57 -6.87
CA ARG A 125 23.19 31.86 -6.50
C ARG A 125 23.58 32.20 -5.08
N GLY A 126 24.63 31.56 -4.61
CA GLY A 126 25.26 31.96 -3.38
C GLY A 126 24.51 31.49 -2.18
N ARG A 127 23.40 30.79 -2.39
CA ARG A 127 22.61 30.32 -1.27
C ARG A 127 23.41 29.35 -0.47
N PRO A 128 23.09 29.22 0.79
CA PRO A 128 23.77 28.26 1.66
C PRO A 128 23.17 26.88 1.61
N LEU A 129 23.94 25.93 2.09
CA LEU A 129 23.50 24.56 2.13
C LEU A 129 22.26 24.47 2.97
N MET A 130 21.41 23.53 2.66
CA MET A 130 20.20 23.32 3.45
C MET A 130 20.59 22.99 4.88
N ARG A 131 19.69 23.25 5.81
CA ARG A 131 19.97 23.07 7.23
C ARG A 131 20.23 21.60 7.55
N HIS A 132 21.20 21.35 8.43
CA HIS A 132 21.62 20.01 8.82
C HIS A 132 22.09 19.18 7.63
N THR A 133 22.88 19.78 6.76
CA THR A 133 23.51 19.05 5.66
C THR A 133 24.81 18.40 6.12
N ASN A 134 24.75 17.09 6.30
CA ASN A 134 25.91 16.28 6.66
C ASN A 134 26.74 15.96 5.42
N TYR A 135 27.97 16.48 5.36
CA TYR A 135 28.81 16.22 4.18
C TYR A 135 30.31 16.26 4.46
N SER A 136 31.09 15.63 3.58
CA SER A 136 32.54 15.60 3.69
C SER A 136 33.18 15.68 2.30
N PHE A 137 34.50 15.84 2.27
CA PHE A 137 35.20 16.03 1.01
C PHE A 137 36.40 15.10 0.84
N SER A 138 36.56 14.58 -0.37
CA SER A 138 37.75 13.84 -0.75
C SER A 138 38.28 14.39 -2.06
N PRO A 139 39.58 14.73 -2.10
CA PRO A 139 40.23 15.38 -3.25
C PRO A 139 40.09 14.57 -4.54
N TRP A 140 40.22 13.26 -4.42
CA TRP A 140 40.16 12.36 -5.57
C TRP A 140 38.75 12.17 -6.12
N HIS A 141 37.73 12.49 -5.31
CA HIS A 141 36.36 12.13 -5.65
C HIS A 141 35.39 13.31 -5.67
N GLY A 142 35.44 14.14 -4.63
CA GLY A 142 34.55 15.28 -4.53
C GLY A 142 33.76 15.27 -3.23
N PHE A 143 32.72 16.09 -3.17
CA PHE A 143 31.89 16.19 -1.97
C PHE A 143 30.84 15.09 -1.90
N THR A 144 30.77 14.44 -0.74
CA THR A 144 29.74 13.44 -0.49
C THR A 144 28.77 13.92 0.57
N ILE A 145 27.50 14.09 0.19
CA ILE A 145 26.45 14.40 1.15
C ILE A 145 25.95 13.10 1.78
N HIS A 146 26.11 12.99 3.10
CA HIS A 146 25.80 11.76 3.80
C HIS A 146 24.34 11.67 4.18
N ARG A 147 23.74 10.50 3.92
CA ARG A 147 22.33 10.25 4.18
C ARG A 147 21.45 11.32 3.56
N ALA A 148 21.48 11.38 2.23
CA ALA A 148 20.78 12.40 1.45
C ALA A 148 19.27 12.38 1.70
N LYS A 149 18.66 13.56 1.65
CA LYS A 149 17.23 13.71 1.86
C LYS A 149 16.60 14.38 0.65
N PHE A 150 15.30 14.11 0.44
CA PHE A 150 14.55 14.69 -0.66
C PHE A 150 14.69 16.21 -0.72
N ILE A 151 14.68 16.83 0.45
CA ILE A 151 14.79 18.28 0.58
C ILE A 151 16.10 18.82 0.00
N GLN A 152 17.11 17.97 -0.07
CA GLN A 152 18.43 18.38 -0.55
C GLN A 152 18.57 18.25 -2.06
N SER A 153 17.46 18.01 -2.75
CA SER A 153 17.47 17.97 -4.20
C SER A 153 17.63 19.39 -4.75
N GLN A 154 18.88 19.80 -4.95
CA GLN A 154 19.21 21.17 -5.31
C GLN A 154 20.32 21.23 -6.34
N ASP A 155 20.57 22.43 -6.87
CA ASP A 155 21.71 22.66 -7.75
C ASP A 155 22.90 23.17 -6.94
N TYR A 156 23.98 22.40 -6.92
CA TYR A 156 25.12 22.70 -6.07
C TYR A 156 26.30 23.27 -6.84
N GLN A 157 27.27 23.80 -6.09
CA GLN A 157 28.52 24.28 -6.67
C GLN A 157 29.66 24.02 -5.69
N CYS A 158 30.83 23.69 -6.24
CA CYS A 158 32.01 23.47 -5.41
C CYS A 158 32.84 24.75 -5.30
N SER A 159 33.09 25.17 -4.08
CA SER A 159 33.82 26.41 -3.83
C SER A 159 35.30 26.14 -3.53
N ALA A 160 36.17 26.86 -4.23
CA ALA A 160 37.61 26.77 -3.98
C ALA A 160 38.16 28.15 -3.64
N LEU A 161 38.96 28.22 -2.58
CA LEU A 161 39.49 29.50 -2.13
C LEU A 161 40.85 29.75 -2.77
N MET A 162 40.89 30.67 -3.72
CA MET A 162 42.13 31.01 -4.43
C MET A 162 42.36 32.51 -4.45
N GLY A 163 43.40 32.95 -3.77
CA GLY A 163 43.74 34.36 -3.68
C GLY A 163 42.60 35.20 -3.13
N GLY A 164 42.00 34.74 -2.03
CA GLY A 164 40.94 35.47 -1.38
C GLY A 164 39.57 35.20 -1.96
N ARG A 165 39.46 35.29 -3.29
CA ARG A 165 38.18 35.07 -3.97
C ARG A 165 37.79 33.60 -4.02
N LYS A 166 36.52 33.32 -3.76
CA LYS A 166 36.00 31.97 -3.90
C LYS A 166 35.60 31.71 -5.35
N VAL A 167 36.20 30.68 -5.96
CA VAL A 167 35.95 30.38 -7.37
C VAL A 167 35.07 29.14 -7.51
N MET A 168 34.00 29.27 -8.28
CA MET A 168 32.98 28.23 -8.35
C MET A 168 33.19 27.24 -9.49
N SER A 169 32.81 25.99 -9.25
CA SER A 169 32.72 25.00 -10.31
C SER A 169 31.42 25.21 -11.07
N ILE A 170 31.25 24.51 -12.18
CA ILE A 170 29.97 24.52 -12.86
C ILE A 170 28.94 23.81 -11.97
N SER A 171 27.67 24.12 -12.16
CA SER A 171 26.63 23.59 -11.29
C SER A 171 26.49 22.08 -11.41
N ILE A 172 26.07 21.45 -10.30
CA ILE A 172 25.81 20.02 -10.28
C ILE A 172 24.43 19.76 -9.68
N ARG A 173 23.51 19.24 -10.50
CA ARG A 173 22.17 18.95 -10.04
C ARG A 173 22.09 17.62 -9.30
N LEU A 174 21.57 17.66 -8.08
CA LEU A 174 21.37 16.44 -7.30
C LEU A 174 19.90 16.08 -7.23
N LYS A 175 19.59 14.83 -7.59
CA LYS A 175 18.25 14.31 -7.47
C LYS A 175 18.20 13.30 -6.34
N VAL A 176 17.44 13.61 -5.29
CA VAL A 176 17.21 12.62 -4.24
C VAL A 176 15.78 12.11 -4.36
N GLN A 177 15.65 10.79 -4.44
CA GLN A 177 14.36 10.17 -4.68
C GLN A 177 13.84 9.46 -3.44
N LYS A 178 12.54 9.59 -3.19
CA LYS A 178 11.91 8.88 -2.11
C LYS A 178 11.92 7.40 -2.47
N VAL A 179 12.26 6.54 -1.52
CA VAL A 179 12.25 5.12 -1.80
C VAL A 179 10.81 4.62 -1.82
N ILE A 180 10.25 4.52 -3.02
CA ILE A 180 8.89 4.04 -3.23
C ILE A 180 8.89 2.52 -3.40
N PRO A 181 8.42 1.79 -2.38
CA PRO A 181 8.51 0.33 -2.34
C PRO A 181 7.85 -0.34 -3.54
N GLY A 182 6.58 -0.03 -3.79
CA GLY A 182 5.88 -0.61 -4.92
C GLY A 182 4.70 0.23 -5.37
N PRO A 183 3.75 -0.40 -6.07
CA PRO A 183 2.51 0.25 -6.52
C PRO A 183 1.73 0.84 -5.35
N PRO A 184 0.86 1.83 -5.62
CA PRO A 184 0.06 2.50 -4.59
C PRO A 184 -0.76 1.53 -3.74
N ALA A 185 -0.78 1.75 -2.43
CA ALA A 185 -1.52 0.89 -1.51
C ALA A 185 -3.02 1.10 -1.66
N LEU A 186 -3.73 0.04 -2.01
CA LEU A 186 -5.17 0.12 -2.27
C LEU A 186 -6.03 -0.22 -1.04
N THR A 187 -7.20 0.41 -0.98
CA THR A 187 -8.22 0.07 0.02
C THR A 187 -9.61 0.15 -0.60
N LEU A 188 -10.10 -0.98 -1.09
CA LEU A 188 -11.44 -1.02 -1.65
C LEU A 188 -12.43 -1.65 -0.68
N VAL A 189 -13.43 -0.87 -0.27
CA VAL A 189 -14.44 -1.34 0.68
C VAL A 189 -15.83 -0.91 0.23
N PRO A 190 -16.85 -1.75 0.51
CA PRO A 190 -16.75 -3.04 1.20
C PRO A 190 -16.33 -4.19 0.28
N ALA A 191 -15.71 -5.21 0.86
CA ALA A 191 -15.25 -6.37 0.10
C ALA A 191 -16.42 -7.17 -0.46
N GLU A 192 -17.50 -7.24 0.30
CA GLU A 192 -18.73 -7.88 -0.16
C GLU A 192 -19.91 -6.91 -0.08
N LEU A 193 -20.84 -7.03 -1.02
CA LEU A 193 -22.01 -6.18 -1.02
C LEU A 193 -23.19 -6.82 -1.77
N VAL A 194 -24.38 -6.68 -1.21
CA VAL A 194 -25.60 -7.15 -1.86
C VAL A 194 -26.78 -6.27 -1.44
N ARG A 195 -27.48 -5.72 -2.43
CA ARG A 195 -28.61 -4.84 -2.16
C ARG A 195 -29.85 -5.23 -2.95
N ILE A 196 -30.99 -4.70 -2.52
CA ILE A 196 -32.24 -4.86 -3.25
C ILE A 196 -32.40 -3.69 -4.23
N ARG A 197 -32.94 -3.97 -5.41
CA ARG A 197 -33.13 -2.94 -6.44
C ARG A 197 -34.06 -1.83 -5.97
N ALA A 200 -29.83 1.70 -1.76
CA ALA A 200 -28.65 2.54 -1.94
C ALA A 200 -27.37 1.76 -1.63
N ALA A 201 -26.25 2.24 -2.16
CA ALA A 201 -24.95 1.60 -1.93
C ALA A 201 -23.81 2.60 -2.12
N GLN A 202 -22.65 2.28 -1.55
CA GLN A 202 -21.47 3.13 -1.70
C GLN A 202 -20.20 2.31 -1.88
N ILE A 203 -19.40 2.71 -2.87
CA ILE A 203 -18.13 2.05 -3.14
C ILE A 203 -17.00 3.08 -3.24
N VAL A 204 -16.01 2.97 -2.38
CA VAL A 204 -14.89 3.91 -2.37
C VAL A 204 -13.56 3.25 -2.76
N CYS A 205 -13.04 3.63 -3.92
CA CYS A 205 -11.74 3.17 -4.37
C CYS A 205 -10.67 4.17 -3.93
N SER A 206 -9.65 3.68 -3.24
CA SER A 206 -8.61 4.56 -2.71
C SER A 206 -7.21 4.02 -2.94
N ALA A 207 -6.26 4.93 -3.12
CA ALA A 207 -4.85 4.59 -3.25
C ALA A 207 -4.00 5.67 -2.58
N SER A 208 -2.88 5.27 -2.00
CA SER A 208 -2.02 6.21 -1.29
C SER A 208 -0.54 5.89 -1.43
N SER A 209 0.25 6.89 -1.77
CA SER A 209 1.70 6.74 -1.86
C SER A 209 2.39 8.01 -1.36
N VAL A 210 3.66 7.87 -0.98
CA VAL A 210 4.44 9.02 -0.52
C VAL A 210 4.60 10.05 -1.63
N ASP A 211 4.55 9.57 -2.88
CA ASP A 211 4.64 10.43 -4.04
C ASP A 211 3.27 10.70 -4.64
N VAL A 212 3.14 11.82 -5.36
CA VAL A 212 1.89 12.20 -6.01
C VAL A 212 1.71 11.50 -7.37
N ASN A 213 2.84 11.18 -8.02
CA ASN A 213 2.80 10.61 -9.36
C ASN A 213 2.31 9.17 -9.39
N PHE A 214 0.99 9.00 -9.29
CA PHE A 214 0.38 7.68 -9.39
C PHE A 214 -1.09 7.80 -9.79
N ASP A 215 -1.54 6.83 -10.59
CA ASP A 215 -2.94 6.79 -11.02
C ASP A 215 -3.76 5.86 -10.16
N VAL A 216 -5.08 6.07 -10.17
CA VAL A 216 -6.02 5.14 -9.55
C VAL A 216 -7.36 5.20 -10.30
N PHE A 217 -7.92 4.04 -10.59
CA PHE A 217 -9.20 3.98 -11.29
C PHE A 217 -10.10 2.89 -10.74
N LEU A 218 -11.40 3.16 -10.72
CA LEU A 218 -12.37 2.16 -10.34
C LEU A 218 -13.12 1.74 -11.61
N GLN A 219 -13.15 0.44 -11.89
CA GLN A 219 -13.81 -0.02 -13.11
C GLN A 219 -14.91 -1.03 -12.81
N HIS A 220 -16.06 -0.83 -13.44
CA HIS A 220 -17.14 -1.79 -13.40
C HIS A 220 -16.92 -2.81 -14.52
N ASN A 221 -16.67 -4.05 -14.12
CA ASN A 221 -16.28 -5.07 -15.07
C ASN A 221 -14.95 -4.66 -15.66
N ASN A 222 -14.91 -4.50 -16.98
CA ASN A 222 -13.70 -4.05 -17.66
C ASN A 222 -13.90 -2.70 -18.34
N THR A 223 -15.04 -2.07 -18.05
CA THR A 223 -15.32 -0.73 -18.53
C THR A 223 -15.20 0.28 -17.39
N LYS A 224 -14.14 1.07 -17.42
CA LYS A 224 -13.84 1.98 -16.31
C LYS A 224 -14.89 3.09 -16.19
N LEU A 225 -15.21 3.45 -14.95
CA LEU A 225 -16.20 4.48 -14.67
C LEU A 225 -15.54 5.84 -14.51
N ALA A 226 -16.26 6.89 -14.92
CA ALA A 226 -15.75 8.25 -14.81
C ALA A 226 -16.18 8.89 -13.50
N ILE A 227 -15.41 8.65 -12.45
CA ILE A 227 -15.70 9.21 -11.13
C ILE A 227 -14.67 10.25 -10.76
N PRO A 228 -15.12 11.47 -10.41
CA PRO A 228 -14.20 12.51 -9.95
C PRO A 228 -13.55 12.13 -8.63
N GLN A 229 -12.23 12.15 -8.58
CA GLN A 229 -11.50 11.69 -7.41
C GLN A 229 -11.12 12.84 -6.46
N GLN A 230 -11.40 12.64 -5.17
CA GLN A 230 -10.99 13.60 -4.16
C GLN A 230 -9.54 13.35 -3.77
N SER A 231 -8.75 14.42 -3.71
CA SER A 231 -7.32 14.30 -3.47
C SER A 231 -6.85 15.17 -2.30
N ASP A 232 -6.13 14.54 -1.36
CA ASP A 232 -5.65 15.26 -0.18
C ASP A 232 -4.30 14.73 0.29
N PHE A 233 -3.53 15.59 0.94
CA PHE A 233 -2.23 15.22 1.51
C PHE A 233 -2.25 15.25 3.04
N HIS A 234 -1.95 14.11 3.66
CA HIS A 234 -1.96 13.97 5.11
C HIS A 234 -0.88 13.03 5.58
N ASN A 235 -0.45 13.17 6.83
CA ASN A 235 0.55 12.28 7.44
C ASN A 235 1.68 11.97 6.48
N ASN A 236 2.15 13.01 5.80
CA ASN A 236 3.26 12.95 4.85
C ASN A 236 3.00 11.95 3.71
N ARG A 237 1.73 11.73 3.40
CA ARG A 237 1.35 10.83 2.31
C ARG A 237 0.22 11.42 1.45
N TYR A 238 0.28 11.16 0.15
CA TYR A 238 -0.78 11.58 -0.77
C TYR A 238 -1.90 10.55 -0.89
N GLN A 239 -3.15 11.02 -0.81
CA GLN A 239 -4.31 10.15 -1.00
C GLN A 239 -5.12 10.55 -2.24
N LYS A 240 -5.70 9.55 -2.89
CA LYS A 240 -6.56 9.78 -4.05
C LYS A 240 -7.77 8.84 -4.00
N VAL A 241 -8.94 9.41 -3.75
CA VAL A 241 -10.12 8.61 -3.45
C VAL A 241 -11.25 8.78 -4.47
N LEU A 242 -11.66 7.67 -5.09
CA LEU A 242 -12.80 7.66 -5.99
C LEU A 242 -14.05 7.18 -5.26
N THR A 243 -15.05 8.05 -5.15
CA THR A 243 -16.27 7.72 -4.42
C THR A 243 -17.46 7.54 -5.34
N LEU A 244 -17.97 6.31 -5.41
CA LEU A 244 -19.13 5.99 -6.23
C LEU A 244 -20.41 5.95 -5.40
N ASN A 245 -21.37 6.80 -5.75
CA ASN A 245 -22.66 6.84 -5.06
C ASN A 245 -23.82 6.43 -5.98
N LEU A 246 -24.48 5.33 -5.62
CA LEU A 246 -25.64 4.86 -6.35
C LEU A 246 -26.93 5.03 -5.53
N ASP A 247 -27.68 6.08 -5.83
CA ASP A 247 -28.92 6.36 -5.11
C ASP A 247 -30.01 5.37 -5.47
N VAL A 249 -30.28 2.04 -6.66
CA VAL A 249 -29.55 1.00 -7.37
C VAL A 249 -30.47 0.15 -8.24
N ASP A 250 -29.88 -0.72 -9.05
CA ASP A 250 -30.64 -1.57 -9.96
C ASP A 250 -29.79 -2.73 -10.44
N PHE A 251 -30.36 -3.56 -11.32
CA PHE A 251 -29.69 -4.77 -11.76
C PHE A 251 -28.49 -4.50 -12.66
N GLN A 252 -28.51 -3.35 -13.35
CA GLN A 252 -27.44 -3.00 -14.27
C GLN A 252 -26.21 -2.44 -13.55
N HIS A 253 -26.35 -2.20 -12.25
CA HIS A 253 -25.24 -1.69 -11.45
C HIS A 253 -24.42 -2.81 -10.81
N ALA A 254 -25.03 -3.99 -10.69
CA ALA A 254 -24.37 -5.15 -10.10
C ALA A 254 -23.18 -5.61 -10.95
N GLY A 255 -22.22 -6.26 -10.30
CA GLY A 255 -21.09 -6.80 -11.02
C GLY A 255 -19.74 -6.74 -10.32
N ASN A 256 -18.68 -6.78 -11.11
CA ASN A 256 -17.32 -6.89 -10.60
C ASN A 256 -16.52 -5.58 -10.59
N TYR A 257 -16.67 -4.82 -9.52
CA TYR A 257 -15.95 -3.56 -9.38
C TYR A 257 -14.48 -3.76 -9.00
N SER A 258 -13.59 -3.46 -9.93
CA SER A 258 -12.15 -3.57 -9.68
C SER A 258 -11.53 -2.20 -9.39
N CYS A 259 -10.81 -2.12 -8.27
CA CYS A 259 -10.08 -0.91 -7.91
C CYS A 259 -8.61 -1.07 -8.25
N VAL A 260 -8.13 -0.29 -9.22
CA VAL A 260 -6.79 -0.48 -9.75
C VAL A 260 -5.98 0.81 -9.77
N ALA A 261 -4.75 0.73 -9.26
CA ALA A 261 -3.87 1.90 -9.20
C ALA A 261 -2.49 1.57 -9.74
N SER A 262 -1.88 2.52 -10.44
CA SER A 262 -0.58 2.29 -11.08
C SER A 262 0.39 3.43 -10.79
N ASN A 263 1.67 3.16 -10.99
CA ASN A 263 2.72 4.17 -10.89
C ASN A 263 3.95 3.74 -11.67
N VAL A 264 5.07 4.44 -11.46
CA VAL A 264 6.31 4.11 -12.15
C VAL A 264 6.81 2.71 -11.76
N GLN A 265 6.40 2.24 -10.59
CA GLN A 265 6.75 0.89 -10.14
C GLN A 265 6.02 -0.17 -10.96
N GLY A 266 4.69 -0.06 -11.00
CA GLY A 266 3.88 -1.01 -11.73
C GLY A 266 2.40 -0.78 -11.46
N LYS A 267 1.57 -1.77 -11.78
CA LYS A 267 0.14 -1.65 -11.56
C LYS A 267 -0.33 -2.59 -10.46
N HIS A 268 -1.26 -2.10 -9.63
CA HIS A 268 -1.85 -2.90 -8.56
C HIS A 268 -3.36 -2.92 -8.70
N SER A 269 -3.99 -4.00 -8.26
CA SER A 269 -5.44 -4.13 -8.42
C SER A 269 -6.10 -4.87 -7.25
N THR A 270 -7.26 -4.38 -6.84
CA THR A 270 -8.10 -5.07 -5.86
C THR A 270 -9.55 -4.95 -6.32
N SER A 271 -10.40 -5.88 -5.88
CA SER A 271 -11.76 -5.93 -6.42
C SER A 271 -12.79 -6.51 -5.46
N MET A 272 -14.06 -6.31 -5.80
CA MET A 272 -15.17 -6.81 -5.01
C MET A 272 -16.34 -7.21 -5.93
N PHE A 273 -17.36 -7.84 -5.34
CA PHE A 273 -18.54 -8.20 -6.11
C PHE A 273 -19.79 -7.50 -5.56
N PHE A 274 -20.65 -7.09 -6.47
CA PHE A 274 -21.88 -6.38 -6.10
C PHE A 274 -23.07 -7.14 -6.66
N ARG A 275 -23.98 -7.56 -5.78
CA ARG A 275 -25.15 -8.33 -6.20
C ARG A 275 -26.44 -7.53 -6.05
N VAL A 276 -27.39 -7.79 -6.95
CA VAL A 276 -28.70 -7.17 -6.88
C VAL A 276 -29.80 -8.24 -6.84
N VAL A 277 -30.58 -8.22 -5.77
CA VAL A 277 -31.64 -9.21 -5.59
C VAL A 277 -33.00 -8.62 -5.94
N SER A 279 -35.20 -6.62 -4.58
CA SER A 279 -35.99 -6.41 -3.35
C SER A 279 -35.32 -7.13 -2.18
N ALA A 280 -35.77 -6.82 -0.93
CA ALA A 280 -35.31 -7.49 0.29
C ALA A 280 -35.51 -9.02 0.19
N TYR A 281 -34.50 -9.79 0.60
CA TYR A 281 -34.54 -11.25 0.60
C TYR A 281 -34.22 -11.81 1.99
N LEU A 282 -34.55 -13.10 2.18
CA LEU A 282 -34.34 -13.89 3.40
C LEU A 282 -34.41 -15.38 2.98
N ASN A 283 -33.25 -16.03 2.85
CA ASN A 283 -33.18 -17.42 2.44
C ASN A 283 -32.59 -18.25 3.58
N LEU A 284 -33.31 -19.33 3.93
CA LEU A 284 -32.97 -20.28 4.99
C LEU A 284 -32.65 -21.66 4.41
N SER A 285 -31.57 -22.26 4.88
CA SER A 285 -31.24 -23.59 4.40
C SER A 285 -30.51 -24.36 5.50
N SER A 286 -30.33 -25.67 5.30
CA SER A 286 -29.60 -26.53 6.21
C SER A 286 -28.84 -27.58 5.42
N GLU A 287 -27.62 -27.93 5.87
CA GLU A 287 -26.83 -29.00 5.27
C GLU A 287 -27.42 -30.33 5.74
N GLN A 288 -28.17 -30.30 6.85
CA GLN A 288 -28.82 -31.44 7.48
C GLN A 288 -30.20 -31.69 6.93
N ASN A 289 -30.60 -32.99 6.93
CA ASN A 289 -31.93 -33.42 6.56
C ASN A 289 -32.84 -32.95 7.66
N LEU A 290 -34.06 -32.53 7.33
CA LEU A 290 -35.00 -32.05 8.35
C LEU A 290 -35.50 -33.20 9.23
N ILE A 291 -35.45 -34.45 8.73
CA ILE A 291 -35.85 -35.66 9.44
C ILE A 291 -34.57 -36.19 10.09
N GLN A 292 -34.53 -36.20 11.45
CA GLN A 292 -33.38 -36.60 12.24
C GLN A 292 -33.69 -37.78 13.15
N GLU A 293 -32.79 -38.74 13.19
CA GLU A 293 -32.93 -39.90 14.05
C GLU A 293 -31.58 -40.12 14.72
N VAL A 294 -31.57 -40.11 16.07
CA VAL A 294 -30.39 -40.20 16.94
C VAL A 294 -30.72 -41.14 18.12
N THR A 295 -29.72 -41.80 18.72
CA THR A 295 -29.99 -42.66 19.88
C THR A 295 -30.13 -41.79 21.13
N VAL A 296 -31.01 -42.19 22.08
CA VAL A 296 -31.18 -41.45 23.34
C VAL A 296 -29.79 -41.36 24.04
N GLY A 297 -29.48 -40.18 24.57
CA GLY A 297 -28.23 -39.93 25.25
C GLY A 297 -27.17 -39.31 24.38
N GLU A 298 -27.37 -39.29 23.07
CA GLU A 298 -26.45 -38.67 22.13
C GLU A 298 -26.64 -37.17 22.05
N GLY A 299 -25.58 -36.46 21.70
CA GLY A 299 -25.62 -35.03 21.44
C GLY A 299 -25.88 -34.80 19.96
N LEU A 300 -26.57 -33.69 19.67
CA LEU A 300 -26.93 -33.25 18.32
C LEU A 300 -26.88 -31.74 18.24
N ASN A 301 -26.46 -31.19 17.08
CA ASN A 301 -26.46 -29.74 16.77
C ASN A 301 -27.30 -29.52 15.53
N LEU A 302 -28.37 -28.72 15.64
CA LEU A 302 -29.23 -28.41 14.49
C LEU A 302 -28.80 -27.07 13.94
N LYS A 303 -28.26 -27.04 12.71
CA LYS A 303 -27.74 -25.84 12.09
C LYS A 303 -28.53 -25.31 10.89
N VAL A 304 -28.86 -24.01 10.90
CA VAL A 304 -29.50 -23.36 9.76
C VAL A 304 -28.59 -22.22 9.28
N MET A 305 -28.50 -22.05 7.97
CA MET A 305 -27.74 -21.00 7.34
C MET A 305 -28.74 -19.97 6.85
N VAL A 306 -28.53 -18.71 7.21
CA VAL A 306 -29.40 -17.59 6.83
C VAL A 306 -28.63 -16.52 6.02
N GLU A 307 -29.01 -16.37 4.75
CA GLU A 307 -28.54 -15.34 3.80
C GLU A 307 -29.73 -14.37 3.76
N ALA A 308 -29.56 -13.16 4.32
CA ALA A 308 -30.62 -12.16 4.44
C ALA A 308 -30.18 -10.73 4.16
N TYR A 309 -31.06 -9.93 3.51
CA TYR A 309 -30.89 -8.48 3.29
C TYR A 309 -32.21 -7.71 3.24
N PRO A 310 -32.46 -6.63 4.06
CA PRO A 310 -31.62 -6.05 5.13
C PRO A 310 -31.44 -6.97 6.32
N GLY A 311 -30.79 -6.46 7.36
CA GLY A 311 -30.53 -7.19 8.60
C GLY A 311 -31.79 -7.76 9.23
N LEU A 312 -31.66 -8.93 9.87
CA LEU A 312 -32.78 -9.59 10.55
C LEU A 312 -33.28 -8.74 11.70
N GLN A 313 -34.62 -8.61 11.81
CA GLN A 313 -35.22 -7.84 12.91
C GLN A 313 -35.65 -8.74 14.05
N GLY A 314 -35.56 -10.05 13.83
CA GLY A 314 -35.89 -11.06 14.82
C GLY A 314 -35.59 -12.46 14.36
N PHE A 315 -35.22 -13.33 15.31
CA PHE A 315 -35.00 -14.77 15.10
C PHE A 315 -35.16 -15.55 16.41
N ASN A 316 -35.63 -16.80 16.28
CA ASN A 316 -35.79 -17.70 17.43
C ASN A 316 -35.77 -19.21 17.02
N TRP A 317 -35.74 -20.10 18.04
CA TRP A 317 -35.88 -21.57 17.99
C TRP A 317 -37.07 -21.87 18.89
N THR A 318 -37.98 -22.71 18.41
CA THR A 318 -39.19 -23.10 19.13
C THR A 318 -39.32 -24.61 19.11
N TYR A 319 -39.66 -25.17 20.30
CA TYR A 319 -39.96 -26.58 20.46
C TYR A 319 -41.47 -26.66 20.29
N LEU A 320 -41.80 -27.28 19.16
CA LEU A 320 -43.10 -27.82 18.81
C LEU A 320 -43.14 -29.28 19.23
N GLY A 321 -42.05 -29.74 19.83
CA GLY A 321 -41.98 -31.11 20.24
C GLY A 321 -43.14 -31.24 21.19
N PRO A 322 -43.82 -32.38 21.11
CA PRO A 322 -44.99 -32.70 21.94
C PRO A 322 -44.64 -32.72 23.43
N PHE A 323 -43.44 -33.16 23.76
CA PHE A 323 -43.00 -33.24 25.16
C PHE A 323 -42.95 -31.83 25.71
N SER A 324 -43.03 -31.69 27.02
CA SER A 324 -43.42 -30.44 27.64
C SER A 324 -42.55 -29.28 27.14
N ASP A 325 -43.23 -28.18 26.85
CA ASP A 325 -42.69 -27.09 26.03
C ASP A 325 -41.60 -26.25 26.76
N HIS A 326 -40.44 -26.89 27.09
CA HIS A 326 -39.31 -26.13 27.62
C HIS A 326 -38.68 -25.53 26.36
N GLN A 327 -38.64 -24.19 26.30
CA GLN A 327 -38.18 -23.44 25.15
C GLN A 327 -36.69 -23.09 25.10
N PRO A 328 -36.06 -23.17 23.90
CA PRO A 328 -34.63 -22.81 23.78
C PRO A 328 -34.30 -21.35 24.07
N GLU A 329 -33.00 -21.06 24.37
CA GLU A 329 -32.46 -19.73 24.66
C GLU A 329 -31.03 -19.55 24.11
N LYS A 331 -28.21 -23.23 25.03
CA LYS A 331 -29.06 -23.77 23.96
C LYS A 331 -28.66 -23.23 22.55
N LEU A 332 -29.24 -22.10 22.12
CA LEU A 332 -29.00 -21.51 20.80
C LEU A 332 -27.79 -20.51 20.80
N ALA A 333 -26.89 -20.73 19.85
CA ALA A 333 -25.69 -19.95 19.59
C ALA A 333 -25.71 -19.56 18.09
N ASN A 334 -24.84 -18.63 17.69
CA ASN A 334 -24.68 -18.24 16.28
C ASN A 334 -23.29 -17.64 15.95
N ALA A 335 -22.84 -17.93 14.73
CA ALA A 335 -21.62 -17.46 14.10
C ALA A 335 -22.03 -16.73 12.78
N THR A 336 -21.05 -16.09 12.10
CA THR A 336 -21.25 -15.34 10.84
C THR A 336 -20.22 -15.78 9.79
N THR A 340 -22.82 -7.80 7.65
CA THR A 340 -23.20 -9.19 7.95
C THR A 340 -24.51 -9.55 7.24
N TYR A 341 -24.38 -10.41 6.22
CA TYR A 341 -25.44 -10.87 5.36
C TYR A 341 -25.60 -12.41 5.43
N ARG A 342 -24.63 -13.09 6.05
CA ARG A 342 -24.62 -14.55 6.25
C ARG A 342 -24.53 -14.85 7.75
N HIS A 343 -25.34 -15.82 8.21
CA HIS A 343 -25.38 -16.23 9.62
C HIS A 343 -25.66 -17.70 9.72
N THR A 344 -25.07 -18.38 10.69
CA THR A 344 -25.40 -19.78 10.96
C THR A 344 -25.97 -19.82 12.39
N PHE A 345 -27.17 -20.42 12.54
CA PHE A 345 -27.83 -20.53 13.83
C PHE A 345 -27.81 -21.98 14.26
N THR A 346 -27.19 -22.24 15.41
CA THR A 346 -27.01 -23.60 15.93
C THR A 346 -27.73 -23.78 17.24
N LEU A 347 -28.64 -24.76 17.28
CA LEU A 347 -29.33 -25.17 18.49
C LEU A 347 -28.60 -26.43 18.97
N SER A 348 -27.99 -26.33 20.16
CA SER A 348 -27.23 -27.38 20.80
C SER A 348 -28.17 -28.22 21.64
N LEU A 349 -28.12 -29.53 21.44
CA LEU A 349 -28.95 -30.47 22.17
C LEU A 349 -28.06 -31.55 22.75
N PRO A 350 -27.36 -31.27 23.89
CA PRO A 350 -26.47 -32.28 24.48
C PRO A 350 -27.24 -33.38 25.22
N ARG A 351 -26.68 -34.61 25.26
CA ARG A 351 -27.18 -35.78 26.00
C ARG A 351 -28.70 -35.85 26.02
N LEU A 352 -29.27 -35.85 24.83
CA LEU A 352 -30.70 -35.88 24.56
C LEU A 352 -31.49 -36.82 25.48
N LYS A 353 -32.49 -36.25 26.21
CA LYS A 353 -33.41 -37.02 27.07
C LYS A 353 -34.68 -37.38 26.23
N PRO A 354 -35.47 -38.40 26.61
CA PRO A 354 -36.64 -38.78 25.77
C PRO A 354 -37.72 -37.72 25.55
N SER A 355 -37.84 -36.71 26.42
CA SER A 355 -38.82 -35.61 26.29
C SER A 355 -38.38 -34.53 25.32
N GLU A 356 -37.16 -34.65 24.81
CA GLU A 356 -36.57 -33.72 23.84
C GLU A 356 -36.78 -34.17 22.40
N ALA A 357 -37.47 -35.28 22.19
CA ALA A 357 -37.83 -35.74 20.85
C ALA A 357 -39.03 -34.92 20.41
N GLY A 358 -39.14 -34.69 19.10
CA GLY A 358 -40.21 -33.90 18.52
C GLY A 358 -39.75 -32.90 17.49
N ARG A 359 -40.59 -31.87 17.27
CA ARG A 359 -40.35 -30.82 16.28
C ARG A 359 -39.71 -29.56 16.84
N TYR A 360 -38.62 -29.11 16.21
CA TYR A 360 -37.90 -27.86 16.51
C TYR A 360 -37.96 -26.98 15.27
N SER A 361 -38.49 -25.76 15.42
CA SER A 361 -38.62 -24.81 14.33
C SER A 361 -37.72 -23.60 14.51
N PHE A 362 -36.94 -23.29 13.47
CA PHE A 362 -36.13 -22.08 13.49
C PHE A 362 -36.87 -21.06 12.65
N LEU A 363 -37.12 -19.89 13.22
CA LEU A 363 -37.73 -18.79 12.49
C LEU A 363 -36.82 -17.57 12.46
N ALA A 364 -36.79 -16.88 11.31
CA ALA A 364 -36.06 -15.62 11.10
C ALA A 364 -36.96 -14.68 10.33
N ARG A 365 -36.88 -13.39 10.69
CA ARG A 365 -37.65 -12.36 10.00
C ARG A 365 -36.84 -11.08 9.78
N ASN A 366 -37.07 -10.44 8.62
CA ASN A 366 -36.47 -9.17 8.19
C ASN A 366 -37.51 -8.35 7.33
N PRO A 367 -37.20 -7.15 6.77
CA PRO A 367 -38.19 -6.44 5.91
C PRO A 367 -38.81 -7.24 4.74
N GLY A 368 -38.18 -8.35 4.35
CA GLY A 368 -38.65 -9.20 3.25
C GLY A 368 -39.75 -10.19 3.59
N GLY A 369 -40.02 -10.35 4.89
CA GLY A 369 -41.02 -11.27 5.42
C GLY A 369 -40.41 -12.14 6.50
N TRP A 370 -41.00 -13.32 6.72
CA TRP A 370 -40.49 -14.31 7.69
C TRP A 370 -40.30 -15.66 7.03
N ARG A 371 -39.36 -16.45 7.57
CA ARG A 371 -39.11 -17.79 7.08
C ARG A 371 -38.89 -18.72 8.25
N ALA A 372 -39.26 -19.99 8.07
CA ALA A 372 -39.06 -21.03 9.07
C ALA A 372 -38.61 -22.35 8.45
N LEU A 373 -37.89 -23.14 9.23
CA LEU A 373 -37.41 -24.46 8.85
C LEU A 373 -37.68 -25.32 10.08
N THR A 374 -38.39 -26.43 9.90
CA THR A 374 -38.77 -27.30 11.00
C THR A 374 -38.10 -28.65 10.89
N PHE A 375 -37.34 -29.03 11.94
CA PHE A 375 -36.67 -30.32 12.09
C PHE A 375 -37.55 -31.29 12.87
N GLU A 376 -37.52 -32.57 12.52
CA GLU A 376 -38.28 -33.62 13.20
C GLU A 376 -37.27 -34.57 13.83
N LEU A 377 -37.19 -34.60 15.16
CA LEU A 377 -36.20 -35.41 15.85
C LEU A 377 -36.81 -36.61 16.56
N THR A 378 -36.50 -37.79 16.02
CA THR A 378 -36.93 -39.08 16.54
C THR A 378 -35.73 -39.69 17.23
N LEU A 379 -35.95 -40.27 18.43
CA LEU A 379 -34.93 -40.91 19.25
C LEU A 379 -35.04 -42.43 19.22
N ARG A 380 -33.89 -43.10 19.14
CA ARG A 380 -33.79 -44.56 19.18
C ARG A 380 -33.57 -45.04 20.60
N TYR A 381 -36.04 -46.55 17.31
CA TYR A 381 -36.46 -47.17 18.57
C TYR A 381 -35.78 -48.52 18.83
N PRO A 382 -35.44 -48.83 20.10
CA PRO A 382 -34.92 -50.19 20.36
C PRO A 382 -36.01 -51.23 20.18
N PRO A 383 -35.67 -52.41 19.65
CA PRO A 383 -36.61 -53.50 19.42
C PRO A 383 -37.37 -53.80 20.68
N GLU A 384 -38.69 -53.84 20.56
CA GLU A 384 -39.55 -54.13 21.68
C GLU A 384 -40.48 -55.24 21.25
N VAL A 385 -40.53 -56.32 22.04
CA VAL A 385 -41.12 -57.60 21.62
C VAL A 385 -42.42 -58.02 22.32
N SER A 386 -43.42 -58.45 21.56
CA SER A 386 -44.68 -58.94 22.12
C SER A 386 -45.16 -60.25 21.48
N VAL A 387 -45.13 -61.35 22.26
CA VAL A 387 -45.49 -62.71 21.78
C VAL A 387 -46.83 -63.24 22.32
N ILE A 388 -47.84 -63.52 21.48
CA ILE A 388 -49.09 -64.16 21.96
C ILE A 388 -49.52 -65.46 21.26
N TRP A 389 -50.08 -66.39 22.02
CA TRP A 389 -50.60 -67.63 21.45
C TRP A 389 -52.06 -67.44 21.03
N THR A 390 -52.35 -67.77 19.77
CA THR A 390 -53.68 -67.62 19.21
C THR A 390 -54.00 -68.82 18.34
N PHE A 391 -55.27 -68.99 18.00
CA PHE A 391 -55.69 -70.10 17.15
C PHE A 391 -56.05 -69.61 15.74
N GLY A 396 -52.82 -74.04 16.32
CA GLY A 396 -52.00 -73.67 17.46
C GLY A 396 -50.89 -72.74 17.03
N THR A 397 -51.09 -71.44 17.27
CA THR A 397 -50.20 -70.43 16.73
C THR A 397 -49.79 -69.37 17.73
N LEU A 398 -48.49 -69.26 17.95
CA LEU A 398 -47.94 -68.15 18.70
C LEU A 398 -47.77 -66.95 17.79
N LEU A 399 -47.88 -65.75 18.37
CA LEU A 399 -47.76 -64.50 17.61
C LEU A 399 -46.82 -63.55 18.32
N CYS A 400 -45.69 -63.23 17.72
CA CYS A 400 -44.82 -62.25 18.33
C CYS A 400 -44.86 -60.95 17.56
N ALA A 401 -44.71 -59.86 18.29
CA ALA A 401 -44.48 -58.57 17.68
C ALA A 401 -43.08 -58.15 18.10
N ALA A 402 -42.46 -57.27 17.30
CA ALA A 402 -41.17 -56.67 17.63
C ALA A 402 -41.19 -55.23 17.12
N SER A 403 -40.57 -54.29 17.82
CA SER A 403 -40.86 -52.89 17.51
C SER A 403 -39.69 -51.91 17.53
N GLY A 404 -39.60 -51.10 16.46
CA GLY A 404 -38.69 -49.99 16.41
C GLY A 404 -38.59 -49.48 14.99
N TYR A 405 -37.96 -48.34 14.84
CA TYR A 405 -37.53 -47.97 13.53
C TYR A 405 -36.03 -48.08 13.68
N PRO A 406 -35.31 -48.44 12.61
CA PRO A 406 -35.76 -48.81 11.27
C PRO A 406 -36.37 -50.20 11.27
N GLN A 407 -36.73 -50.73 10.12
CA GLN A 407 -37.44 -51.99 10.16
C GLN A 407 -36.58 -53.19 10.49
N PRO A 408 -36.89 -53.81 11.62
CA PRO A 408 -36.24 -54.92 12.30
C PRO A 408 -36.47 -56.30 11.73
N ASN A 409 -35.68 -57.22 12.25
CA ASN A 409 -35.89 -58.66 12.17
C ASN A 409 -36.39 -59.25 13.50
N VAL A 410 -36.53 -60.58 13.56
CA VAL A 410 -36.89 -61.33 14.79
C VAL A 410 -36.12 -62.68 14.96
N THR A 411 -35.44 -62.88 16.09
CA THR A 411 -34.78 -64.16 16.38
C THR A 411 -35.56 -64.99 17.40
N TRP A 412 -36.22 -66.05 16.96
CA TRP A 412 -36.90 -66.94 17.90
C TRP A 412 -35.90 -67.88 18.56
N LEU A 413 -36.00 -68.07 19.88
CA LEU A 413 -35.22 -69.14 20.51
C LEU A 413 -36.11 -70.01 21.42
N GLN A 414 -36.21 -71.30 21.10
CA GLN A 414 -36.62 -72.29 22.10
C GLN A 414 -35.30 -72.64 22.80
N CYS A 415 -35.18 -72.34 24.09
CA CYS A 415 -33.93 -72.58 24.82
C CYS A 415 -34.20 -73.35 26.11
N LEU A 428 -32.36 -75.67 22.52
CA LEU A 428 -32.79 -76.70 21.56
C LEU A 428 -32.85 -76.18 20.12
N GLN A 429 -33.46 -75.01 19.88
CA GLN A 429 -33.85 -74.58 18.52
C GLN A 429 -34.01 -73.04 18.26
N VAL A 430 -33.85 -72.59 17.00
CA VAL A 430 -33.99 -71.19 16.57
C VAL A 430 -34.65 -71.01 15.17
N TRP A 431 -35.67 -70.16 15.02
CA TRP A 431 -36.09 -69.69 13.69
C TRP A 431 -35.85 -68.21 13.58
N ASP A 432 -35.41 -67.78 12.41
CA ASP A 432 -35.11 -66.38 12.25
C ASP A 432 -35.99 -65.74 11.18
N ASP A 433 -36.27 -64.45 11.39
CA ASP A 433 -37.37 -63.74 10.73
C ASP A 433 -37.03 -62.26 10.42
N PRO A 434 -36.32 -61.99 9.30
CA PRO A 434 -35.61 -60.75 8.91
C PRO A 434 -36.42 -59.46 8.57
N TYR A 435 -37.44 -59.61 7.75
CA TYR A 435 -38.33 -58.50 7.40
C TYR A 435 -39.76 -59.10 7.31
N PRO A 436 -40.47 -59.14 8.45
CA PRO A 436 -41.74 -59.83 8.72
C PRO A 436 -42.98 -59.27 8.01
N GLU A 437 -44.17 -59.70 8.41
CA GLU A 437 -45.41 -59.09 7.92
C GLU A 437 -45.78 -57.83 8.72
N VAL A 438 -45.87 -56.69 8.02
CA VAL A 438 -45.80 -55.38 8.66
C VAL A 438 -47.13 -54.85 9.26
N LEU A 439 -47.06 -54.51 10.56
CA LEU A 439 -48.19 -53.90 11.29
C LEU A 439 -48.40 -52.36 11.26
N SER A 440 -47.34 -51.56 11.44
CA SER A 440 -47.48 -50.07 11.36
C SER A 440 -46.37 -49.35 10.56
N GLN A 441 -46.73 -48.74 9.42
CA GLN A 441 -45.76 -48.00 8.57
C GLN A 441 -45.75 -46.43 8.64
N GLU A 442 -46.57 -45.79 9.49
CA GLU A 442 -46.91 -44.35 9.35
C GLU A 442 -45.87 -43.29 9.80
N PRO A 443 -45.71 -42.17 9.05
CA PRO A 443 -44.67 -41.21 9.44
C PRO A 443 -44.69 -40.77 10.88
N PHE A 444 -43.50 -40.65 11.49
CA PHE A 444 -43.29 -40.31 12.91
C PHE A 444 -43.78 -41.24 14.05
N HIS A 445 -43.56 -42.55 13.91
CA HIS A 445 -43.90 -43.53 14.91
C HIS A 445 -42.80 -44.62 14.96
N LYS A 446 -43.09 -45.73 15.64
CA LYS A 446 -42.25 -46.93 15.58
C LYS A 446 -42.70 -47.86 14.40
N VAL A 447 -41.76 -48.57 13.75
CA VAL A 447 -42.11 -49.44 12.60
C VAL A 447 -42.47 -50.84 13.12
N THR A 448 -43.77 -51.17 13.10
CA THR A 448 -44.29 -52.34 13.82
C THR A 448 -44.28 -53.62 12.99
N VAL A 449 -43.83 -54.72 13.58
CA VAL A 449 -43.80 -55.99 12.87
C VAL A 449 -44.47 -57.12 13.66
N GLN A 450 -45.04 -58.08 12.96
CA GLN A 450 -45.78 -59.16 13.60
C GLN A 450 -45.32 -60.55 13.19
N SER A 451 -45.05 -61.40 14.18
CA SER A 451 -44.47 -62.73 13.95
C SER A 451 -45.36 -63.87 14.42
N LEU A 452 -45.87 -64.66 13.48
CA LEU A 452 -46.76 -65.79 13.76
C LEU A 452 -46.00 -67.10 13.99
N THR A 463 -39.67 -72.57 26.82
CA THR A 463 -40.15 -71.25 26.45
C THR A 463 -39.83 -70.87 25.02
N TYR A 464 -40.66 -70.03 24.44
CA TYR A 464 -40.34 -69.57 23.11
C TYR A 464 -39.79 -68.17 23.26
N GLU A 465 -38.46 -68.09 23.17
CA GLU A 465 -37.74 -66.85 23.33
C GLU A 465 -37.81 -66.21 21.95
N CYS A 466 -38.40 -65.02 21.87
CA CYS A 466 -38.50 -64.33 20.59
C CYS A 466 -37.61 -63.08 20.65
N ARG A 467 -36.42 -63.17 20.05
CA ARG A 467 -35.44 -62.08 20.09
C ARG A 467 -35.63 -61.12 18.93
N ALA A 468 -35.39 -59.82 19.15
CA ALA A 468 -35.51 -58.85 18.06
C ALA A 468 -34.23 -58.03 17.86
N HIS A 469 -33.76 -57.93 16.61
CA HIS A 469 -32.57 -57.14 16.28
C HIS A 469 -32.71 -56.27 15.02
N ASN A 470 -32.50 -54.97 15.15
CA ASN A 470 -32.47 -54.13 13.96
C ASN A 470 -31.13 -53.44 14.01
N SER A 471 -30.90 -52.42 13.18
CA SER A 471 -29.67 -51.65 13.34
C SER A 471 -29.60 -51.01 14.73
N VAL A 472 -30.75 -50.97 15.45
CA VAL A 472 -30.82 -50.37 16.80
C VAL A 472 -30.39 -51.25 18.00
N GLY A 473 -30.80 -52.51 18.07
CA GLY A 473 -30.40 -53.28 19.23
C GLY A 473 -30.94 -54.69 19.36
N SER A 474 -30.88 -55.22 20.57
CA SER A 474 -31.35 -56.57 20.84
C SER A 474 -32.62 -56.53 21.70
N GLY A 475 -33.52 -57.49 21.45
CA GLY A 475 -34.79 -57.62 22.14
C GLY A 475 -35.09 -59.09 22.25
N SER A 476 -36.00 -59.46 23.17
CA SER A 476 -36.40 -60.86 23.40
C SER A 476 -37.71 -60.93 24.22
N TRP A 477 -38.45 -62.04 24.20
CA TRP A 477 -39.46 -62.36 25.25
C TRP A 477 -39.72 -63.88 25.39
N ALA A 478 -40.03 -64.32 26.60
CA ALA A 478 -40.26 -65.74 26.91
C ALA A 478 -41.67 -66.04 27.47
N PHE A 479 -42.34 -67.05 26.90
CA PHE A 479 -43.69 -67.48 27.35
C PHE A 479 -43.80 -68.97 27.74
N GLU B 23 8.94 17.69 -17.42
CA GLU B 23 8.45 16.46 -16.82
C GLU B 23 6.97 16.59 -16.51
N VAL B 24 6.36 17.69 -16.91
CA VAL B 24 5.01 18.06 -16.49
C VAL B 24 3.99 16.99 -16.76
N SER B 25 3.05 16.83 -15.85
CA SER B 25 2.18 15.67 -15.82
C SER B 25 0.77 16.02 -15.38
N GLU B 26 -0.16 15.09 -15.53
CA GLU B 26 -1.53 15.29 -15.05
C GLU B 26 -1.62 15.30 -13.52
N TYR B 27 -0.51 15.02 -12.85
CA TYR B 27 -0.51 15.03 -11.40
C TYR B 27 -0.05 16.37 -10.85
N CYS B 28 -0.18 17.43 -11.64
CA CYS B 28 0.09 18.77 -11.13
C CYS B 28 -1.04 19.20 -10.20
N SER B 29 -2.26 18.77 -10.50
CA SER B 29 -3.33 18.81 -9.52
C SER B 29 -3.09 17.70 -8.52
N HIS B 30 -3.95 17.61 -7.50
CA HIS B 30 -3.83 16.61 -6.43
C HIS B 30 -2.52 16.75 -5.63
N MET B 31 -1.67 17.68 -6.04
CA MET B 31 -0.34 17.83 -5.44
C MET B 31 -0.37 18.78 -4.25
N ILE B 32 -1.04 19.91 -4.41
CA ILE B 32 -1.25 20.83 -3.30
C ILE B 32 -2.52 20.43 -2.54
N GLY B 33 -2.37 19.59 -1.52
CA GLY B 33 -3.50 19.13 -0.73
C GLY B 33 -4.02 20.17 0.24
N SER B 34 -5.22 19.95 0.76
CA SER B 34 -5.81 20.82 1.76
C SER B 34 -5.03 20.77 3.06
N GLY B 35 -4.43 19.62 3.33
CA GLY B 35 -3.59 19.44 4.51
C GLY B 35 -2.43 20.42 4.53
N HIS B 36 -1.88 20.69 3.35
CA HIS B 36 -0.84 21.70 3.21
C HIS B 36 -1.34 23.07 3.63
N LEU B 37 -2.53 23.43 3.15
CA LEU B 37 -3.13 24.73 3.44
C LEU B 37 -3.49 24.86 4.92
N GLN B 38 -3.90 23.75 5.53
CA GLN B 38 -4.20 23.73 6.96
C GLN B 38 -2.95 24.01 7.78
N SER B 39 -1.84 23.39 7.40
CA SER B 39 -0.56 23.58 8.08
C SER B 39 -0.14 25.03 8.01
N LEU B 40 -0.33 25.65 6.85
CA LEU B 40 -0.07 27.07 6.68
C LEU B 40 -0.95 27.91 7.59
N GLN B 41 -2.24 27.59 7.61
CA GLN B 41 -3.19 28.34 8.42
C GLN B 41 -2.86 28.25 9.90
N ARG B 42 -2.55 27.03 10.35
CA ARG B 42 -2.17 26.81 11.74
C ARG B 42 -0.90 27.59 12.07
N LEU B 43 0.02 27.63 11.11
CA LEU B 43 1.26 28.38 11.27
C LEU B 43 0.97 29.86 11.38
N ILE B 44 0.04 30.34 10.56
CA ILE B 44 -0.39 31.74 10.59
C ILE B 44 -1.08 32.05 11.92
N ASP B 45 -1.99 31.19 12.33
CA ASP B 45 -2.76 31.39 13.55
C ASP B 45 -1.91 31.39 14.81
N SER B 46 -0.73 30.78 14.72
CA SER B 46 0.15 30.68 15.88
C SER B 46 1.01 31.93 16.05
N GLN B 47 1.09 32.73 15.00
CA GLN B 47 2.00 33.88 15.00
C GLN B 47 1.44 35.05 15.79
N MET B 48 2.30 35.68 16.57
CA MET B 48 1.92 36.83 17.37
C MET B 48 1.64 38.04 16.49
N GLU B 49 0.53 38.71 16.76
CA GLU B 49 0.15 39.88 16.00
C GLU B 49 0.97 41.09 16.45
N THR B 50 1.97 41.44 15.66
CA THR B 50 2.85 42.55 16.00
C THR B 50 3.03 43.51 14.83
N SER B 51 3.33 44.77 15.16
CA SER B 51 3.42 45.83 14.16
C SER B 51 4.75 45.84 13.42
N CYS B 52 5.69 44.98 13.82
CA CYS B 52 7.02 44.96 13.23
C CYS B 52 6.95 44.59 11.75
N GLN B 53 7.77 45.25 10.94
CA GLN B 53 7.83 44.97 9.52
C GLN B 53 9.15 44.30 9.14
N ILE B 54 9.09 43.40 8.18
CA ILE B 54 10.29 42.75 7.67
C ILE B 54 10.42 43.01 6.17
N THR B 55 11.65 43.20 5.71
CA THR B 55 11.90 43.44 4.30
C THR B 55 12.14 42.13 3.57
N PHE B 56 11.54 42.00 2.39
CA PHE B 56 11.71 40.80 1.56
C PHE B 56 11.41 41.09 0.09
N GLU B 57 11.98 40.27 -0.78
CA GLU B 57 11.77 40.42 -2.22
C GLU B 57 10.56 39.60 -2.67
N PHE B 58 9.68 40.23 -3.43
CA PHE B 58 8.50 39.54 -3.94
C PHE B 58 8.00 40.21 -5.22
N VAL B 59 7.24 39.45 -6.01
CA VAL B 59 6.70 39.92 -7.28
C VAL B 59 5.74 41.09 -7.13
N ASP B 60 5.86 42.08 -8.00
CA ASP B 60 4.99 43.26 -7.97
C ASP B 60 3.71 43.01 -8.76
N GLN B 61 2.57 43.15 -8.09
CA GLN B 61 1.26 42.93 -8.72
C GLN B 61 0.99 43.93 -9.84
N GLU B 62 1.59 45.11 -9.74
CA GLU B 62 1.40 46.15 -10.74
C GLU B 62 1.98 45.75 -12.09
N GLN B 63 3.22 45.28 -12.09
CA GLN B 63 3.90 44.88 -13.32
C GLN B 63 3.33 43.59 -13.88
N LEU B 64 2.75 42.77 -13.02
CA LEU B 64 2.15 41.51 -13.45
C LEU B 64 0.70 41.40 -13.00
N LYS B 65 -0.20 41.97 -13.79
CA LYS B 65 -1.63 41.85 -13.52
C LYS B 65 -2.13 40.47 -13.94
N ASP B 66 -1.43 39.87 -14.90
CA ASP B 66 -1.74 38.54 -15.40
C ASP B 66 -1.67 37.51 -14.27
N PRO B 67 -2.81 36.88 -13.95
CA PRO B 67 -2.89 35.90 -12.85
C PRO B 67 -1.96 34.70 -13.03
N VAL B 68 -1.87 34.17 -14.25
CA VAL B 68 -1.06 32.98 -14.48
C VAL B 68 0.45 33.26 -14.44
N CYS B 69 0.86 34.43 -14.93
CA CYS B 69 2.28 34.79 -14.95
C CYS B 69 2.74 35.40 -13.64
N TYR B 70 1.79 35.90 -12.86
CA TYR B 70 2.09 36.39 -11.52
C TYR B 70 2.52 35.23 -10.62
N LEU B 71 1.69 34.18 -10.61
CA LEU B 71 1.96 33.00 -9.80
C LEU B 71 3.26 32.31 -10.19
N LYS B 72 3.53 32.26 -11.50
CA LYS B 72 4.76 31.69 -12.03
C LYS B 72 6.00 32.34 -11.41
N LYS B 73 6.00 33.67 -11.39
CA LYS B 73 7.13 34.41 -10.84
C LYS B 73 7.16 34.31 -9.31
N ALA B 74 5.98 34.24 -8.70
CA ALA B 74 5.85 34.16 -7.24
C ALA B 74 6.35 32.83 -6.69
N PHE B 75 5.96 31.74 -7.34
CA PHE B 75 6.34 30.39 -6.91
C PHE B 75 7.85 30.22 -6.76
N LEU B 76 8.60 30.82 -7.68
CA LEU B 76 10.06 30.78 -7.62
C LEU B 76 10.58 31.55 -6.40
N LEU B 77 9.94 32.67 -6.10
CA LEU B 77 10.41 33.55 -5.02
C LEU B 77 10.03 32.99 -3.64
N VAL B 78 8.94 32.23 -3.58
CA VAL B 78 8.48 31.64 -2.32
C VAL B 78 9.53 30.68 -1.76
N GLN B 79 10.32 30.10 -2.65
CA GLN B 79 11.39 29.19 -2.26
C GLN B 79 12.41 29.86 -1.37
N ASP B 80 12.83 31.06 -1.76
CA ASP B 80 13.82 31.81 -1.01
C ASP B 80 13.23 32.34 0.29
N ILE B 81 11.94 32.67 0.26
CA ILE B 81 11.24 33.18 1.43
C ILE B 81 11.22 32.15 2.55
N MET B 82 10.88 30.91 2.22
CA MET B 82 10.74 29.84 3.20
C MET B 82 12.09 29.46 3.83
N GLU B 83 13.16 29.62 3.07
CA GLU B 83 14.50 29.35 3.59
C GLU B 83 15.04 30.48 4.44
N ASP B 84 14.90 31.70 3.92
CA ASP B 84 15.49 32.88 4.57
C ASP B 84 14.64 33.42 5.72
N THR B 85 13.34 33.56 5.50
CA THR B 85 12.48 34.24 6.47
C THR B 85 11.73 33.28 7.40
N MET B 86 11.11 32.26 6.82
CA MET B 86 10.22 31.39 7.58
C MET B 86 10.98 30.32 8.34
N ARG B 87 11.79 30.75 9.29
CA ARG B 87 12.59 29.85 10.06
C ARG B 87 11.99 29.59 11.40
N PHE B 88 11.94 28.32 11.78
CA PHE B 88 11.35 27.94 13.05
C PHE B 88 12.29 27.02 13.81
N ARG B 89 12.07 26.90 15.11
CA ARG B 89 12.87 26.00 15.94
C ARG B 89 12.73 24.57 15.42
N ASP B 90 13.84 23.83 15.44
CA ASP B 90 13.86 22.46 14.94
C ASP B 90 12.81 21.56 15.60
N ASN B 91 12.19 20.72 14.79
CA ASN B 91 11.22 19.71 15.26
C ASN B 91 9.96 20.30 15.89
N THR B 92 9.71 21.58 15.65
CA THR B 92 8.45 22.21 16.04
C THR B 92 7.44 21.99 14.93
N PRO B 93 6.15 21.93 15.28
CA PRO B 93 5.07 21.74 14.28
C PRO B 93 5.19 22.67 13.07
N ASN B 94 5.50 23.93 13.31
CA ASN B 94 5.67 24.89 12.22
C ASN B 94 6.88 24.57 11.34
N ALA B 95 8.00 24.20 11.96
CA ALA B 95 9.19 23.80 11.23
C ALA B 95 8.89 22.63 10.28
N ILE B 96 8.20 21.63 10.80
CA ILE B 96 7.79 20.47 10.01
C ILE B 96 6.87 20.89 8.86
N ALA B 97 5.96 21.83 9.14
CA ALA B 97 5.06 22.35 8.13
C ALA B 97 5.84 23.00 6.99
N ILE B 98 6.85 23.79 7.35
CA ILE B 98 7.69 24.46 6.37
C ILE B 98 8.44 23.45 5.49
N VAL B 99 9.02 22.43 6.11
CA VAL B 99 9.70 21.36 5.38
C VAL B 99 8.78 20.73 4.34
N GLN B 100 7.55 20.39 4.75
CA GLN B 100 6.58 19.80 3.86
C GLN B 100 6.24 20.73 2.69
N LEU B 101 6.06 22.01 2.98
CA LEU B 101 5.78 23.00 1.95
C LEU B 101 6.96 23.11 0.97
N GLN B 102 8.16 22.91 1.49
CA GLN B 102 9.36 22.94 0.65
C GLN B 102 9.44 21.69 -0.25
N GLU B 103 9.11 20.53 0.32
CA GLU B 103 9.04 19.30 -0.46
C GLU B 103 7.95 19.41 -1.51
N LEU B 104 6.83 20.02 -1.11
CA LEU B 104 5.73 20.30 -2.02
C LEU B 104 6.21 21.12 -3.22
N SER B 105 7.03 22.13 -2.94
CA SER B 105 7.51 23.04 -3.97
C SER B 105 8.47 22.34 -4.93
N LEU B 106 9.23 21.38 -4.45
CA LEU B 106 10.06 20.56 -5.31
C LEU B 106 9.18 19.77 -6.26
N ARG B 107 8.10 19.21 -5.73
CA ARG B 107 7.14 18.47 -6.55
C ARG B 107 6.43 19.40 -7.53
N LEU B 108 6.18 20.64 -7.11
CA LEU B 108 5.52 21.61 -7.98
C LEU B 108 6.43 22.06 -9.10
N LYS B 109 7.74 21.84 -8.94
CA LYS B 109 8.68 22.04 -10.04
C LYS B 109 8.29 21.09 -11.16
N SER B 110 8.78 21.37 -12.36
CA SER B 110 8.45 20.60 -13.57
C SER B 110 6.98 20.77 -13.94
N CYS B 111 6.23 21.58 -13.20
CA CYS B 111 4.91 22.00 -13.62
C CYS B 111 5.00 23.42 -14.16
N PHE B 112 6.00 24.16 -13.67
CA PHE B 112 6.25 25.52 -14.13
C PHE B 112 7.39 25.56 -15.13
N THR B 113 7.07 25.87 -16.39
CA THR B 113 8.09 26.04 -17.42
C THR B 113 8.68 27.44 -17.29
N LYS B 114 9.99 27.59 -17.53
CA LYS B 114 10.62 28.88 -17.26
C LYS B 114 11.86 29.17 -18.10
N ASP B 115 12.08 30.45 -18.35
CA ASP B 115 13.28 30.95 -19.01
C ASP B 115 13.68 32.29 -18.41
N TYR B 116 14.83 32.81 -18.81
CA TYR B 116 15.40 34.01 -18.22
C TYR B 116 14.52 35.23 -18.45
N LYS B 121 15.72 36.81 -13.67
CA LYS B 121 15.34 37.48 -12.43
C LYS B 121 14.63 38.79 -12.70
N ALA B 122 14.64 39.68 -11.70
CA ALA B 122 14.07 41.02 -11.81
C ALA B 122 12.55 40.97 -12.02
N CYS B 123 11.99 42.09 -12.46
CA CYS B 123 10.55 42.26 -12.63
C CYS B 123 9.84 42.05 -11.28
N VAL B 124 10.51 42.46 -10.21
CA VAL B 124 10.00 42.31 -8.85
C VAL B 124 10.28 43.55 -8.00
N ARG B 125 9.65 43.63 -6.84
CA ARG B 125 9.79 44.80 -5.96
C ARG B 125 10.05 44.41 -4.49
N THR B 126 10.76 45.26 -3.76
CA THR B 126 11.04 45.05 -2.35
C THR B 126 9.79 45.39 -1.52
N PHE B 127 9.49 44.56 -0.53
CA PHE B 127 8.36 44.84 0.35
C PHE B 127 8.81 45.09 1.77
N TYR B 128 7.92 45.68 2.57
CA TYR B 128 8.19 45.95 3.97
C TYR B 128 6.92 45.74 4.77
N GLU B 129 6.61 44.49 5.07
CA GLU B 129 5.34 44.14 5.69
C GLU B 129 5.53 43.29 6.95
N THR B 130 4.44 43.11 7.69
CA THR B 130 4.44 42.27 8.88
C THR B 130 4.60 40.81 8.48
N PRO B 131 5.14 39.98 9.38
CA PRO B 131 5.29 38.54 9.11
C PRO B 131 3.98 37.86 8.73
N LEU B 132 2.89 38.26 9.37
CA LEU B 132 1.57 37.69 9.07
C LEU B 132 1.13 38.01 7.64
N GLN B 133 1.43 39.22 7.19
CA GLN B 133 1.11 39.62 5.82
C GLN B 133 1.93 38.82 4.82
N LEU B 134 3.20 38.59 5.14
CA LEU B 134 4.06 37.74 4.33
C LEU B 134 3.50 36.32 4.24
N LEU B 135 3.02 35.81 5.37
CA LEU B 135 2.45 34.48 5.42
C LEU B 135 1.16 34.40 4.60
N GLU B 136 0.40 35.48 4.60
CA GLU B 136 -0.83 35.54 3.82
C GLU B 136 -0.53 35.54 2.32
N LYS B 137 0.55 36.21 1.93
CA LYS B 137 0.97 36.22 0.53
C LYS B 137 1.35 34.81 0.08
N VAL B 138 2.20 34.17 0.87
CA VAL B 138 2.65 32.81 0.58
C VAL B 138 1.48 31.83 0.57
N LYS B 139 0.57 31.97 1.52
CA LYS B 139 -0.63 31.13 1.55
C LYS B 139 -1.48 31.35 0.31
N ASN B 140 -1.59 32.59 -0.12
CA ASN B 140 -2.37 32.93 -1.30
C ASN B 140 -1.74 32.34 -2.56
N VAL B 141 -0.41 32.35 -2.61
CA VAL B 141 0.31 31.75 -3.73
C VAL B 141 -0.02 30.27 -3.84
N PHE B 142 0.10 29.54 -2.72
CA PHE B 142 -0.21 28.12 -2.70
C PHE B 142 -1.69 27.83 -2.96
N ASN B 143 -2.56 28.66 -2.41
CA ASN B 143 -4.00 28.44 -2.52
C ASN B 143 -4.50 28.65 -3.94
N GLU B 144 -4.13 29.77 -4.55
CA GLU B 144 -4.56 30.09 -5.90
C GLU B 144 -3.96 29.14 -6.94
N THR B 145 -2.74 28.68 -6.68
CA THR B 145 -2.10 27.72 -7.56
C THR B 145 -2.86 26.39 -7.55
N LYS B 146 -3.33 26.00 -6.36
CA LYS B 146 -4.15 24.81 -6.24
C LYS B 146 -5.47 24.96 -6.99
N ASN B 147 -6.10 26.12 -6.83
CA ASN B 147 -7.35 26.43 -7.51
C ASN B 147 -7.24 26.32 -9.03
N LEU B 148 -6.21 26.95 -9.60
CA LEU B 148 -6.00 26.95 -11.04
C LEU B 148 -5.70 25.55 -11.58
N LEU B 149 -4.86 24.81 -10.86
CA LEU B 149 -4.49 23.45 -11.27
C LEU B 149 -5.68 22.50 -11.25
N ASP B 150 -6.65 22.78 -10.38
CA ASP B 150 -7.88 21.98 -10.33
C ASP B 150 -8.72 22.23 -11.58
N LYS B 151 -8.74 23.47 -12.05
CA LYS B 151 -9.44 23.82 -13.28
C LYS B 151 -8.73 23.22 -14.48
N ASP B 152 -7.40 23.34 -14.49
CA ASP B 152 -6.58 22.76 -15.54
C ASP B 152 -5.15 22.59 -15.03
N TRP B 153 -4.64 21.37 -15.11
CA TRP B 153 -3.32 21.06 -14.55
C TRP B 153 -2.16 21.52 -15.42
N ASN B 154 -2.46 21.93 -16.65
CA ASN B 154 -1.42 22.34 -17.58
C ASN B 154 -1.38 23.85 -17.80
N ILE B 155 -1.88 24.61 -16.83
CA ILE B 155 -1.95 26.06 -16.95
C ILE B 155 -0.57 26.73 -16.92
N PHE B 156 0.26 26.34 -15.95
CA PHE B 156 1.53 27.01 -15.72
C PHE B 156 2.65 26.56 -16.65
N SER B 157 2.27 25.99 -17.79
CA SER B 157 3.26 25.58 -18.79
C SER B 157 3.30 26.55 -19.97
N LYS B 158 2.94 27.80 -19.72
CA LYS B 158 2.92 28.82 -20.77
C LYS B 158 4.13 29.74 -20.64
N ASN B 159 4.65 30.19 -21.77
CA ASN B 159 5.82 31.05 -21.79
C ASN B 159 5.47 32.49 -21.41
N CYS B 160 5.95 32.92 -20.25
CA CYS B 160 5.69 34.28 -19.77
C CYS B 160 6.85 35.23 -20.05
N ASN B 161 7.75 34.85 -20.95
CA ASN B 161 8.84 35.73 -21.36
C ASN B 161 8.31 37.05 -21.91
N ASN B 162 7.20 36.97 -22.63
CA ASN B 162 6.53 38.16 -23.16
C ASN B 162 5.93 39.00 -22.02
N SER B 163 5.37 38.32 -21.02
CA SER B 163 4.83 38.98 -19.85
C SER B 163 5.93 39.62 -19.02
N PHE B 164 7.07 38.94 -18.93
CA PHE B 164 8.22 39.43 -18.17
C PHE B 164 8.94 40.57 -18.86
N ALA B 165 8.52 40.89 -20.08
CA ALA B 165 9.11 41.99 -20.84
C ALA B 165 8.63 43.33 -20.32
N GLU B 166 7.33 43.44 -20.09
CA GLU B 166 6.73 44.70 -19.63
C GLU B 166 7.03 44.95 -18.15
N CYS B 167 8.32 45.09 -17.83
CA CYS B 167 8.74 45.31 -16.45
C CYS B 167 9.92 46.28 -16.39
#